data_7PKW
#
_entry.id   7PKW
#
_cell.length_a   124.920
_cell.length_b   124.920
_cell.length_c   124.920
_cell.angle_alpha   90.000
_cell.angle_beta   90.000
_cell.angle_gamma   90.000
#
_symmetry.space_group_name_H-M   'P 41 3 2'
#
loop_
_entity.id
_entity.type
_entity.pdbx_description
1 polymer 'Putative transfer protein'
2 non-polymer 'SULFATE ION'
3 non-polymer GLYCEROL
4 water water
#
_entity_poly.entity_id   1
_entity_poly.type   'polypeptide(L)'
_entity_poly.pdbx_seq_one_letter_code
;SNKVGTLQAQVEATQKQKAQPIDANRKYDYKLQYYLNDYVYAYFTLPQEGDKQQAQVEHLNSFYNFVPDVKAQGQVRNPS
TLLDSQLVTVEGKVATYKVKYKEMIQHDKDTEEKELVTGFNIPFDEKEGKYYVSGLPWFSAIESSQAGYFSEDDQLQLTA
NDHVSDSQHKKVEKFLKVFFTNYTTNQDNLNLIAKNVAIVANTTFKTIDYTYLKKDRADLIAYVQATFEVGGTTHSENFT
FTLSEKDKSYYVTKLEHTIPLNYANDKD
;
_entity_poly.pdbx_strand_id   A
#
loop_
_chem_comp.id
_chem_comp.type
_chem_comp.name
_chem_comp.formula
GOL non-polymer GLYCEROL 'C3 H8 O3'
SO4 non-polymer 'SULFATE ION' 'O4 S -2'
#
# COMPACT_ATOMS: atom_id res chain seq x y z
N ASP A 23 26.31 -3.53 -0.79
CA ASP A 23 25.12 -4.11 -1.48
C ASP A 23 24.95 -5.56 -1.00
N ALA A 24 25.41 -6.57 -1.76
CA ALA A 24 25.09 -8.01 -1.53
C ALA A 24 25.55 -8.48 -0.14
N ASN A 25 26.54 -7.81 0.48
CA ASN A 25 27.09 -8.15 1.83
C ASN A 25 26.29 -7.48 2.95
N ARG A 26 25.18 -6.78 2.67
CA ARG A 26 24.37 -6.20 3.76
C ARG A 26 23.97 -7.35 4.70
N LYS A 27 23.79 -7.04 6.00
CA LYS A 27 23.38 -7.99 7.06
C LYS A 27 21.94 -7.62 7.44
N TYR A 28 21.07 -8.62 7.56
CA TYR A 28 19.68 -8.46 8.06
C TYR A 28 19.52 -9.53 9.15
N ASP A 29 18.85 -9.18 10.24
CA ASP A 29 18.49 -10.14 11.28
C ASP A 29 17.01 -9.89 11.62
N TYR A 30 16.12 -10.85 11.31
CA TYR A 30 14.67 -10.69 11.55
C TYR A 30 14.20 -11.70 12.61
N LYS A 31 15.11 -12.23 13.40
CA LYS A 31 14.80 -13.32 14.35
C LYS A 31 13.78 -12.81 15.37
N LEU A 32 13.94 -11.59 15.86
CA LEU A 32 13.02 -11.00 16.87
C LEU A 32 11.63 -10.87 16.25
N GLN A 33 11.52 -10.27 15.06
CA GLN A 33 10.20 -10.06 14.42
C GLN A 33 9.49 -11.40 14.24
N TYR A 34 10.20 -12.45 13.80
CA TYR A 34 9.53 -13.75 13.57
C TYR A 34 9.27 -14.46 14.91
N TYR A 35 10.12 -14.31 15.91
CA TYR A 35 9.85 -14.82 17.27
C TYR A 35 8.50 -14.26 17.77
N LEU A 36 8.32 -12.94 17.67
CA LEU A 36 7.09 -12.29 18.13
C LEU A 36 5.90 -12.76 17.30
N ASN A 37 6.04 -12.93 15.98
CA ASN A 37 4.96 -13.49 15.13
C ASN A 37 4.58 -14.88 15.63
N ASP A 38 5.57 -15.71 15.96
CA ASP A 38 5.33 -17.09 16.47
C ASP A 38 4.60 -17.06 17.83
N TYR A 39 4.92 -16.09 18.69
CA TYR A 39 4.20 -15.92 19.98
C TYR A 39 2.76 -15.55 19.69
N VAL A 40 2.51 -14.57 18.81
CA VAL A 40 1.11 -14.16 18.50
C VAL A 40 0.32 -15.34 17.97
N TYR A 41 0.90 -16.10 17.06
CA TYR A 41 0.24 -17.31 16.55
C TYR A 41 -0.05 -18.29 17.68
N ALA A 42 0.91 -18.52 18.58
CA ALA A 42 0.75 -19.49 19.69
C ALA A 42 -0.33 -18.99 20.65
N TYR A 43 -0.42 -17.68 20.83
CA TYR A 43 -1.35 -17.07 21.82
C TYR A 43 -2.79 -17.17 21.30
N PHE A 44 -3.02 -16.92 20.01
CA PHE A 44 -4.37 -16.78 19.43
C PHE A 44 -4.88 -18.06 18.78
N THR A 45 -4.08 -19.14 18.86
CA THR A 45 -4.41 -20.45 18.24
C THR A 45 -4.77 -21.41 19.36
N LEU A 46 -5.98 -21.99 19.32
CA LEU A 46 -6.39 -23.04 20.30
C LEU A 46 -7.26 -24.01 19.52
N PRO A 47 -6.75 -25.23 19.26
CA PRO A 47 -7.56 -26.24 18.55
C PRO A 47 -8.72 -26.80 19.42
N GLN A 48 -9.62 -27.59 18.83
CA GLN A 48 -10.75 -28.28 19.53
C GLN A 48 -10.31 -29.54 20.33
N GLU A 49 -9.51 -30.47 19.77
CA GLU A 49 -9.34 -31.81 20.40
C GLU A 49 -8.26 -31.74 21.48
N GLY A 50 -8.45 -32.45 22.60
CA GLY A 50 -7.64 -32.24 23.82
C GLY A 50 -6.16 -32.55 23.59
N ASP A 51 -5.90 -33.60 22.82
CA ASP A 51 -4.54 -34.07 22.42
C ASP A 51 -3.81 -32.83 21.86
N LYS A 52 -4.56 -32.08 21.03
CA LYS A 52 -4.04 -30.90 20.33
C LYS A 52 -4.03 -29.71 21.30
N GLN A 53 -5.01 -29.58 22.17
CA GLN A 53 -5.29 -28.34 22.93
C GLN A 53 -4.24 -28.15 24.03
N GLN A 54 -4.13 -29.08 24.98
CA GLN A 54 -3.16 -28.92 26.09
C GLN A 54 -1.74 -28.83 25.50
N ALA A 55 -1.44 -29.52 24.40
CA ALA A 55 -0.14 -29.50 23.68
C ALA A 55 0.20 -28.12 23.08
N GLN A 56 -0.80 -27.43 22.55
CA GLN A 56 -0.69 -26.03 22.07
C GLN A 56 -0.48 -25.10 23.26
N VAL A 57 -1.15 -25.33 24.38
CA VAL A 57 -0.92 -24.53 25.62
C VAL A 57 0.51 -24.72 26.11
N GLU A 58 1.05 -25.93 26.13
CA GLU A 58 2.44 -26.16 26.54
C GLU A 58 3.38 -25.35 25.63
N HIS A 59 3.15 -25.38 24.32
CA HIS A 59 4.01 -24.63 23.37
C HIS A 59 3.94 -23.12 23.65
N LEU A 60 2.72 -22.61 23.91
CA LEU A 60 2.54 -21.19 24.29
C LEU A 60 3.34 -20.87 25.55
N ASN A 61 3.27 -21.74 26.56
CA ASN A 61 3.94 -21.49 27.85
C ASN A 61 5.47 -21.44 27.67
N SER A 62 6.01 -22.14 26.66
CA SER A 62 7.47 -22.24 26.40
C SER A 62 8.04 -20.86 26.05
N PHE A 63 7.19 -19.89 25.67
CA PHE A 63 7.70 -18.55 25.27
C PHE A 63 8.14 -17.74 26.47
N TYR A 64 7.57 -18.00 27.65
CA TYR A 64 7.81 -17.15 28.85
C TYR A 64 9.13 -17.53 29.51
N ASN A 65 9.78 -16.56 30.15
CA ASN A 65 10.89 -16.88 31.09
C ASN A 65 10.31 -17.78 32.19
N PHE A 66 9.17 -17.35 32.76
CA PHE A 66 8.32 -18.12 33.70
C PHE A 66 6.87 -17.89 33.30
N VAL A 67 6.07 -18.94 33.32
CA VAL A 67 4.61 -18.80 33.14
C VAL A 67 4.12 -17.75 34.13
N PRO A 68 3.45 -16.69 33.66
CA PRO A 68 3.07 -15.58 34.54
C PRO A 68 2.20 -16.04 35.71
N ASP A 69 2.43 -15.41 36.84
CA ASP A 69 1.62 -15.68 38.05
C ASP A 69 0.23 -15.07 37.90
N VAL A 70 -0.78 -15.90 37.84
CA VAL A 70 -2.21 -15.48 37.70
C VAL A 70 -2.96 -15.90 38.95
N LYS A 71 -3.65 -14.96 39.59
CA LYS A 71 -4.33 -15.12 40.89
C LYS A 71 -5.70 -15.78 40.68
N ALA A 72 -6.37 -15.56 39.55
CA ALA A 72 -7.62 -16.28 39.22
C ALA A 72 -7.34 -17.80 39.20
N GLN A 73 -8.35 -18.61 39.48
CA GLN A 73 -8.26 -20.10 39.51
C GLN A 73 -7.93 -20.60 38.10
N GLY A 74 -8.45 -19.92 37.10
CA GLY A 74 -8.28 -20.30 35.69
C GLY A 74 -9.02 -19.35 34.78
N GLN A 75 -9.01 -19.57 33.47
CA GLN A 75 -9.74 -18.70 32.52
C GLN A 75 -10.84 -19.53 31.86
N VAL A 76 -11.82 -18.88 31.23
CA VAL A 76 -12.65 -19.56 30.21
C VAL A 76 -11.93 -19.35 28.88
N ARG A 77 -11.65 -20.47 28.23
N ARG A 77 -11.45 -20.41 28.20
CA ARG A 77 -10.90 -20.61 26.96
CA ARG A 77 -10.82 -20.31 26.84
C ARG A 77 -11.84 -21.22 25.92
C ARG A 77 -11.52 -21.23 25.82
N ASN A 78 -11.92 -20.64 24.71
CA ASN A 78 -12.67 -21.25 23.59
C ASN A 78 -11.70 -21.50 22.45
N PRO A 79 -11.97 -22.53 21.60
CA PRO A 79 -11.17 -22.71 20.39
C PRO A 79 -11.10 -21.45 19.53
N SER A 80 -9.96 -21.25 18.90
N SER A 80 -9.92 -21.21 18.96
CA SER A 80 -9.66 -19.98 18.22
CA SER A 80 -9.52 -19.92 18.34
C SER A 80 -8.59 -20.21 17.14
C SER A 80 -8.56 -20.19 17.16
N THR A 81 -8.65 -19.36 16.12
CA THR A 81 -7.76 -19.39 14.94
C THR A 81 -7.27 -17.97 14.71
N LEU A 82 -5.98 -17.79 14.47
CA LEU A 82 -5.42 -16.48 14.05
C LEU A 82 -5.69 -16.26 12.55
N LEU A 83 -6.27 -15.13 12.17
CA LEU A 83 -6.61 -14.84 10.76
C LEU A 83 -5.57 -13.88 10.19
N ASP A 84 -5.07 -12.96 11.01
CA ASP A 84 -4.08 -11.97 10.50
C ASP A 84 -3.41 -11.25 11.67
N SER A 85 -2.20 -10.78 11.45
CA SER A 85 -1.47 -10.01 12.47
C SER A 85 -0.49 -9.08 11.76
N GLN A 86 -0.28 -7.93 12.35
CA GLN A 86 0.63 -6.89 11.84
C GLN A 86 1.47 -6.45 13.03
N LEU A 87 2.79 -6.61 12.93
CA LEU A 87 3.72 -6.05 13.94
C LEU A 87 3.95 -4.57 13.67
N VAL A 88 3.23 -3.67 14.34
CA VAL A 88 3.26 -2.26 13.92
C VAL A 88 4.41 -1.53 14.62
N THR A 89 4.70 -1.81 15.89
CA THR A 89 5.78 -1.07 16.60
C THR A 89 6.53 -2.00 17.53
N VAL A 90 7.83 -1.73 17.68
CA VAL A 90 8.62 -2.28 18.79
C VAL A 90 9.29 -1.08 19.44
N GLU A 91 9.06 -0.86 20.73
CA GLU A 91 9.77 0.18 21.47
C GLU A 91 9.73 -0.13 22.97
N GLY A 92 10.81 0.17 23.66
CA GLY A 92 10.92 0.03 25.12
C GLY A 92 10.54 -1.38 25.56
N LYS A 93 11.00 -2.40 24.85
CA LYS A 93 10.77 -3.84 25.20
C LYS A 93 9.29 -4.19 25.17
N VAL A 94 8.51 -3.48 24.34
CA VAL A 94 7.09 -3.81 24.07
C VAL A 94 6.91 -3.91 22.56
N ALA A 95 6.34 -5.02 22.12
CA ALA A 95 5.92 -5.22 20.72
C ALA A 95 4.42 -5.04 20.67
N THR A 96 3.94 -4.25 19.68
CA THR A 96 2.52 -3.98 19.52
C THR A 96 2.07 -4.53 18.17
N TYR A 97 0.99 -5.28 18.19
CA TYR A 97 0.35 -5.91 17.02
C TYR A 97 -1.08 -5.37 16.87
N LYS A 98 -1.54 -5.38 15.61
CA LYS A 98 -2.96 -5.46 15.23
C LYS A 98 -3.26 -6.93 14.99
N VAL A 99 -4.31 -7.46 15.58
CA VAL A 99 -4.63 -8.89 15.49
C VAL A 99 -6.07 -9.09 15.03
N LYS A 100 -6.25 -10.02 14.09
CA LYS A 100 -7.59 -10.51 13.67
C LYS A 100 -7.67 -11.99 13.99
N TYR A 101 -8.72 -12.41 14.68
CA TYR A 101 -8.86 -13.84 15.01
C TYR A 101 -10.36 -14.20 14.99
N LYS A 102 -10.61 -15.49 15.09
CA LYS A 102 -11.98 -16.00 15.22
C LYS A 102 -12.03 -17.01 16.36
N GLU A 103 -13.10 -16.91 17.16
N GLU A 103 -13.14 -16.91 17.09
CA GLU A 103 -13.31 -17.73 18.37
CA GLU A 103 -13.45 -17.70 18.28
C GLU A 103 -14.60 -18.53 18.14
C GLU A 103 -14.66 -18.57 17.96
N MET A 104 -14.52 -19.84 18.33
N MET A 104 -14.59 -19.81 18.42
CA MET A 104 -15.68 -20.77 18.25
CA MET A 104 -15.63 -20.85 18.25
C MET A 104 -16.26 -20.93 19.65
C MET A 104 -16.30 -21.03 19.62
N ILE A 105 -17.48 -20.41 19.87
CA ILE A 105 -18.22 -20.53 21.16
C ILE A 105 -19.28 -21.64 21.01
N GLN A 106 -19.21 -22.69 21.84
CA GLN A 106 -20.08 -23.91 21.76
C GLN A 106 -21.31 -23.77 22.67
N THR A 111 -22.64 -24.46 18.17
CA THR A 111 -21.38 -23.67 18.15
C THR A 111 -21.50 -22.50 17.15
N GLU A 112 -21.14 -21.27 17.58
CA GLU A 112 -21.05 -20.04 16.75
C GLU A 112 -19.57 -19.61 16.60
N GLU A 113 -19.21 -19.08 15.44
CA GLU A 113 -17.88 -18.51 15.13
C GLU A 113 -18.02 -16.99 15.09
N LYS A 114 -17.13 -16.27 15.76
CA LYS A 114 -17.13 -14.81 15.84
C LYS A 114 -15.72 -14.32 15.47
N GLU A 115 -15.65 -13.42 14.50
N GLU A 115 -15.63 -13.37 14.54
CA GLU A 115 -14.43 -12.66 14.09
CA GLU A 115 -14.38 -12.71 14.11
C GLU A 115 -14.23 -11.50 15.07
C GLU A 115 -14.17 -11.44 14.92
N LEU A 116 -13.00 -11.29 15.53
CA LEU A 116 -12.67 -10.23 16.48
C LEU A 116 -11.35 -9.62 16.04
N VAL A 117 -11.17 -8.36 16.38
CA VAL A 117 -9.91 -7.65 16.14
C VAL A 117 -9.50 -7.05 17.48
N THR A 118 -8.19 -6.97 17.73
CA THR A 118 -7.67 -6.25 18.91
C THR A 118 -6.23 -5.82 18.66
N GLY A 119 -5.82 -4.73 19.29
CA GLY A 119 -4.41 -4.48 19.55
C GLY A 119 -3.93 -5.42 20.64
N PHE A 120 -2.66 -5.76 20.59
CA PHE A 120 -2.05 -6.80 21.44
C PHE A 120 -0.61 -6.40 21.69
N ASN A 121 -0.24 -6.33 22.97
CA ASN A 121 1.02 -5.72 23.41
C ASN A 121 1.80 -6.75 24.25
N ILE A 122 3.04 -7.00 23.84
CA ILE A 122 3.87 -8.13 24.35
C ILE A 122 5.08 -7.53 25.02
N PRO A 123 5.27 -7.74 26.35
CA PRO A 123 6.53 -7.39 27.01
C PRO A 123 7.56 -8.51 26.73
N PHE A 124 8.76 -8.17 26.30
CA PHE A 124 9.78 -9.18 25.96
C PHE A 124 11.15 -8.66 26.33
N ASP A 125 12.10 -9.57 26.25
CA ASP A 125 13.51 -9.19 26.49
C ASP A 125 14.41 -10.18 25.77
N GLU A 126 15.72 -9.97 25.91
N GLU A 126 15.71 -9.93 25.94
CA GLU A 126 16.77 -10.69 25.16
CA GLU A 126 16.82 -10.61 25.26
C GLU A 126 17.84 -11.09 26.18
C GLU A 126 17.75 -11.15 26.34
N LYS A 127 18.31 -12.33 26.09
CA LYS A 127 19.39 -12.91 26.93
C LYS A 127 20.33 -13.65 25.97
N GLU A 128 21.59 -13.21 25.82
CA GLU A 128 22.61 -13.95 25.01
C GLU A 128 22.11 -14.15 23.56
N GLY A 129 21.48 -13.15 22.98
CA GLY A 129 20.99 -13.18 21.58
C GLY A 129 19.73 -14.00 21.41
N LYS A 130 19.12 -14.45 22.51
CA LYS A 130 17.84 -15.18 22.42
C LYS A 130 16.71 -14.33 23.05
N TYR A 131 15.47 -14.70 22.84
CA TYR A 131 14.31 -13.85 23.21
C TYR A 131 13.40 -14.62 24.14
N TYR A 132 12.62 -13.86 24.91
CA TYR A 132 11.51 -14.46 25.71
C TYR A 132 10.44 -13.39 25.95
N VAL A 133 9.24 -13.85 26.23
CA VAL A 133 8.12 -13.00 26.70
C VAL A 133 8.21 -12.96 28.22
N SER A 134 8.17 -11.78 28.77
CA SER A 134 8.56 -11.47 30.17
C SER A 134 7.38 -11.32 31.13
N GLY A 135 6.16 -11.34 30.63
CA GLY A 135 4.97 -11.20 31.50
C GLY A 135 3.70 -11.24 30.71
N LEU A 136 2.57 -11.05 31.40
CA LEU A 136 1.23 -11.03 30.77
C LEU A 136 1.17 -9.96 29.70
N PRO A 137 0.78 -10.33 28.46
CA PRO A 137 0.55 -9.34 27.42
C PRO A 137 -0.74 -8.57 27.74
N TRP A 138 -0.95 -7.47 27.03
CA TRP A 138 -2.17 -6.65 27.28
C TRP A 138 -2.86 -6.29 25.97
N PHE A 139 -4.18 -6.21 26.03
CA PHE A 139 -5.01 -5.84 24.87
C PHE A 139 -5.14 -4.31 24.84
N SER A 140 -5.28 -3.77 23.62
CA SER A 140 -5.50 -2.32 23.39
C SER A 140 -6.45 -2.17 22.21
N ALA A 141 -7.07 -0.99 22.07
CA ALA A 141 -7.91 -0.67 20.91
C ALA A 141 -6.96 -0.40 19.74
N ILE A 142 -7.28 -0.95 18.59
CA ILE A 142 -6.53 -0.71 17.33
C ILE A 142 -6.56 0.78 17.06
N GLU A 143 -5.40 1.39 16.79
CA GLU A 143 -5.25 2.81 16.40
C GLU A 143 -5.05 2.86 14.88
N SER A 144 -5.83 3.66 14.18
CA SER A 144 -5.66 3.85 12.70
C SER A 144 -4.51 4.84 12.48
N SER A 145 -3.66 4.65 11.48
CA SER A 145 -2.63 5.66 11.10
C SER A 145 -3.18 6.60 10.00
N GLN A 146 -4.51 6.57 9.75
CA GLN A 146 -5.14 7.43 8.70
C GLN A 146 -5.09 8.90 9.11
N ALA A 147 -4.51 9.78 8.30
CA ALA A 147 -4.54 11.22 8.58
C ALA A 147 -5.94 11.76 8.20
N GLY A 148 -6.32 12.86 8.85
CA GLY A 148 -7.51 13.67 8.47
C GLY A 148 -7.31 15.15 8.71
N TYR A 149 -8.43 15.88 8.72
CA TYR A 149 -8.49 17.34 8.88
C TYR A 149 -7.58 18.00 7.85
N PHE A 150 -7.92 17.91 6.56
CA PHE A 150 -7.18 18.65 5.51
C PHE A 150 -7.91 19.95 5.14
N SER A 151 -7.14 20.98 4.84
CA SER A 151 -7.66 22.24 4.26
C SER A 151 -8.06 21.99 2.81
N GLU A 152 -9.15 22.60 2.37
CA GLU A 152 -9.58 22.57 0.94
C GLU A 152 -8.50 23.18 0.03
N ASP A 153 -7.52 23.91 0.57
CA ASP A 153 -6.37 24.44 -0.21
C ASP A 153 -5.54 23.27 -0.75
N ASP A 154 -5.62 22.11 -0.13
CA ASP A 154 -4.75 20.96 -0.48
C ASP A 154 -5.46 20.05 -1.49
N GLN A 155 -6.67 20.39 -1.89
CA GLN A 155 -7.51 19.53 -2.75
C GLN A 155 -7.16 19.81 -4.22
N LEU A 156 -6.68 18.81 -4.94
CA LEU A 156 -6.54 18.95 -6.42
C LEU A 156 -7.91 18.84 -7.09
N GLN A 157 -8.30 19.89 -7.84
CA GLN A 157 -9.47 19.83 -8.76
C GLN A 157 -9.01 20.19 -10.17
N LEU A 158 -9.39 19.36 -11.15
CA LEU A 158 -8.96 19.55 -12.56
C LEU A 158 -10.09 20.33 -13.24
N THR A 159 -10.19 21.59 -12.86
CA THR A 159 -11.29 22.52 -13.27
C THR A 159 -10.76 23.70 -14.11
N ALA A 160 -9.45 23.91 -14.19
CA ALA A 160 -8.88 25.10 -14.86
C ALA A 160 -8.94 24.93 -16.38
N ASN A 161 -9.05 26.06 -17.06
CA ASN A 161 -9.07 26.17 -18.54
C ASN A 161 -7.80 26.89 -18.94
N ASP A 162 -6.97 26.31 -19.80
CA ASP A 162 -5.69 26.92 -20.16
C ASP A 162 -5.90 27.98 -21.27
N HIS A 163 -4.85 28.73 -21.51
CA HIS A 163 -4.78 29.87 -22.46
C HIS A 163 -3.99 29.46 -23.70
N VAL A 164 -3.92 28.16 -24.04
CA VAL A 164 -3.17 27.69 -25.22
C VAL A 164 -4.17 27.53 -26.36
N SER A 165 -3.74 27.76 -27.60
CA SER A 165 -4.60 27.81 -28.79
C SER A 165 -5.29 26.48 -29.04
N ASP A 166 -6.45 26.52 -29.67
N ASP A 166 -6.47 26.53 -29.65
CA ASP A 166 -7.19 25.29 -30.06
CA ASP A 166 -7.16 25.29 -30.08
C ASP A 166 -6.36 24.49 -31.09
C ASP A 166 -6.27 24.49 -31.03
N SER A 167 -5.57 25.15 -31.95
CA SER A 167 -4.71 24.42 -32.92
C SER A 167 -3.55 23.70 -32.21
N GLN A 168 -2.94 24.28 -31.17
CA GLN A 168 -1.94 23.52 -30.37
C GLN A 168 -2.64 22.37 -29.64
N HIS A 169 -3.86 22.60 -29.11
N HIS A 169 -3.86 22.58 -29.14
CA HIS A 169 -4.61 21.54 -28.39
CA HIS A 169 -4.62 21.50 -28.46
C HIS A 169 -4.80 20.33 -29.31
C HIS A 169 -4.84 20.35 -29.44
N LYS A 170 -5.15 20.56 -30.57
N LYS A 170 -5.23 20.65 -30.66
CA LYS A 170 -5.43 19.45 -31.51
CA LYS A 170 -5.44 19.59 -31.69
C LYS A 170 -4.12 18.76 -31.89
C LYS A 170 -4.14 18.80 -31.88
N LYS A 171 -3.01 19.49 -31.99
CA LYS A 171 -1.70 18.84 -32.28
C LYS A 171 -1.30 18.00 -31.05
N VAL A 172 -1.54 18.51 -29.86
CA VAL A 172 -1.16 17.78 -28.62
C VAL A 172 -2.05 16.56 -28.44
N GLU A 173 -3.33 16.70 -28.71
CA GLU A 173 -4.29 15.57 -28.57
C GLU A 173 -3.86 14.44 -29.53
N LYS A 174 -3.52 14.77 -30.78
N LYS A 174 -3.52 14.77 -30.77
CA LYS A 174 -3.11 13.72 -31.75
CA LYS A 174 -3.07 13.80 -31.79
C LYS A 174 -1.84 13.05 -31.21
C LYS A 174 -1.83 13.08 -31.24
N PHE A 175 -0.92 13.85 -30.66
CA PHE A 175 0.36 13.31 -30.15
C PHE A 175 0.09 12.38 -28.94
N LEU A 176 -0.76 12.84 -28.05
CA LEU A 176 -1.08 12.10 -26.80
C LEU A 176 -1.77 10.79 -27.17
N LYS A 177 -2.60 10.74 -28.20
CA LYS A 177 -3.23 9.44 -28.57
C LYS A 177 -2.16 8.45 -29.05
N VAL A 178 -1.20 8.90 -29.83
CA VAL A 178 -0.02 8.06 -30.26
C VAL A 178 0.77 7.64 -29.01
N PHE A 179 1.08 8.59 -28.13
CA PHE A 179 1.86 8.32 -26.89
C PHE A 179 1.18 7.18 -26.12
N PHE A 180 -0.10 7.35 -25.80
CA PHE A 180 -0.78 6.36 -24.93
C PHE A 180 -0.96 5.02 -25.65
N THR A 181 -1.20 5.03 -26.96
CA THR A 181 -1.20 3.77 -27.75
C THR A 181 0.15 3.05 -27.58
N ASN A 182 1.26 3.73 -27.85
N ASN A 182 1.26 3.74 -27.80
CA ASN A 182 2.60 3.14 -27.69
CA ASN A 182 2.61 3.14 -27.70
C ASN A 182 2.81 2.70 -26.23
C ASN A 182 2.95 2.78 -26.25
N TYR A 183 2.47 3.58 -25.28
CA TYR A 183 2.66 3.34 -23.82
C TYR A 183 2.08 2.00 -23.38
N THR A 184 1.01 1.55 -24.06
CA THR A 184 0.24 0.34 -23.72
C THR A 184 0.62 -0.80 -24.66
N THR A 185 1.55 -0.62 -25.59
CA THR A 185 1.77 -1.63 -26.68
C THR A 185 3.23 -1.95 -26.93
N ASN A 186 4.08 -0.98 -27.24
CA ASN A 186 5.31 -1.25 -28.02
C ASN A 186 6.43 -0.37 -27.48
N GLN A 187 7.38 -0.98 -26.80
CA GLN A 187 8.51 -0.27 -26.15
C GLN A 187 9.36 0.49 -27.19
N ASP A 188 9.67 -0.10 -28.33
CA ASP A 188 10.59 0.54 -29.30
C ASP A 188 9.91 1.77 -29.94
N ASN A 189 8.61 1.66 -30.26
CA ASN A 189 7.77 2.79 -30.76
C ASN A 189 7.77 3.90 -29.67
N LEU A 190 7.62 3.50 -28.41
CA LEU A 190 7.54 4.48 -27.29
C LEU A 190 8.88 5.20 -27.17
N ASN A 191 10.01 4.49 -27.34
CA ASN A 191 11.38 5.05 -27.19
C ASN A 191 11.63 6.20 -28.18
N LEU A 192 11.00 6.15 -29.33
CA LEU A 192 11.25 7.14 -30.40
C LEU A 192 10.68 8.46 -29.90
N ILE A 193 9.59 8.44 -29.12
CA ILE A 193 8.84 9.69 -28.79
C ILE A 193 8.97 10.05 -27.30
N ALA A 194 9.68 9.27 -26.50
CA ALA A 194 9.76 9.52 -25.05
C ALA A 194 11.11 9.09 -24.48
N LYS A 195 11.61 9.85 -23.51
CA LYS A 195 12.86 9.51 -22.80
C LYS A 195 12.59 8.61 -21.59
N ASN A 196 13.11 7.39 -21.60
CA ASN A 196 13.16 6.47 -20.43
C ASN A 196 11.78 6.26 -19.84
N VAL A 197 10.79 5.96 -20.68
CA VAL A 197 9.46 5.59 -20.20
C VAL A 197 9.24 4.09 -20.50
N ALA A 198 8.80 3.31 -19.51
CA ALA A 198 8.51 1.90 -19.71
C ALA A 198 7.04 1.72 -20.12
N ILE A 199 6.80 0.79 -21.04
CA ILE A 199 5.40 0.43 -21.38
C ILE A 199 4.75 -0.25 -20.18
N VAL A 200 3.44 -0.21 -20.13
CA VAL A 200 2.64 -0.94 -19.12
C VAL A 200 2.12 -2.22 -19.76
N ALA A 201 1.79 -3.21 -18.94
CA ALA A 201 1.35 -4.53 -19.44
C ALA A 201 -0.15 -4.65 -19.23
N ASN A 202 -0.76 -5.50 -20.04
CA ASN A 202 -2.15 -5.98 -19.89
C ASN A 202 -3.13 -4.80 -19.95
N THR A 203 -2.79 -3.71 -20.62
CA THR A 203 -3.62 -2.47 -20.63
C THR A 203 -4.06 -2.11 -22.04
N THR A 204 -5.28 -1.60 -22.15
CA THR A 204 -5.80 -0.86 -23.31
C THR A 204 -6.06 0.61 -22.94
N PHE A 205 -5.52 1.50 -23.75
CA PHE A 205 -5.76 2.95 -23.64
C PHE A 205 -7.19 3.20 -24.14
N LYS A 206 -8.01 3.92 -23.41
CA LYS A 206 -9.39 4.26 -23.86
C LYS A 206 -9.46 5.73 -24.26
N THR A 207 -9.30 6.68 -23.34
CA THR A 207 -9.69 8.09 -23.61
C THR A 207 -8.76 9.02 -22.83
N ILE A 208 -8.51 10.20 -23.40
CA ILE A 208 -7.96 11.38 -22.69
C ILE A 208 -9.17 12.15 -22.16
N ASP A 209 -9.24 12.37 -20.86
CA ASP A 209 -10.39 12.99 -20.18
C ASP A 209 -10.11 14.44 -19.74
N TYR A 210 -8.84 14.86 -19.66
CA TYR A 210 -8.53 16.27 -19.29
C TYR A 210 -7.15 16.60 -19.85
N THR A 211 -7.00 17.82 -20.37
CA THR A 211 -5.69 18.33 -20.79
C THR A 211 -5.55 19.81 -20.42
N TYR A 212 -4.56 20.14 -19.60
CA TYR A 212 -4.19 21.54 -19.32
C TYR A 212 -2.79 21.75 -19.86
N LEU A 213 -2.61 22.73 -20.75
CA LEU A 213 -1.30 23.01 -21.36
C LEU A 213 -0.75 24.34 -20.85
N LYS A 214 0.55 24.39 -20.61
CA LYS A 214 1.23 25.59 -20.12
C LYS A 214 2.63 25.61 -20.70
N LYS A 215 3.07 26.77 -21.20
CA LYS A 215 4.48 26.96 -21.61
C LYS A 215 5.39 27.08 -20.40
N ASP A 216 6.58 26.55 -20.57
CA ASP A 216 7.71 26.75 -19.65
C ASP A 216 8.92 26.98 -20.53
N ARG A 217 9.21 28.25 -20.87
CA ARG A 217 10.27 28.61 -21.84
C ARG A 217 9.99 27.86 -23.14
N ALA A 218 10.87 26.98 -23.59
CA ALA A 218 10.66 26.32 -24.90
C ALA A 218 9.85 25.02 -24.72
N ASP A 219 9.65 24.57 -23.49
CA ASP A 219 8.93 23.30 -23.19
C ASP A 219 7.44 23.60 -23.17
N LEU A 220 6.65 22.61 -23.52
CA LEU A 220 5.21 22.69 -23.27
C LEU A 220 4.89 21.64 -22.20
N ILE A 221 4.26 22.08 -21.12
CA ILE A 221 3.84 21.17 -20.03
C ILE A 221 2.38 20.76 -20.30
N ALA A 222 2.09 19.46 -20.22
CA ALA A 222 0.73 18.94 -20.38
C ALA A 222 0.37 18.19 -19.11
N TYR A 223 -0.63 18.68 -18.42
CA TYR A 223 -1.28 17.96 -17.29
C TYR A 223 -2.51 17.22 -17.82
N VAL A 224 -2.48 15.89 -17.72
CA VAL A 224 -3.39 14.98 -18.48
C VAL A 224 -3.99 13.96 -17.53
N GLN A 225 -5.29 13.70 -17.67
CA GLN A 225 -5.91 12.50 -17.10
C GLN A 225 -6.41 11.64 -18.24
N ALA A 226 -6.28 10.31 -18.11
CA ALA A 226 -6.64 9.33 -19.15
C ALA A 226 -7.23 8.11 -18.48
N THR A 227 -8.06 7.39 -19.24
CA THR A 227 -8.73 6.15 -18.81
C THR A 227 -8.04 4.98 -19.51
N PHE A 228 -7.83 3.92 -18.75
CA PHE A 228 -7.22 2.65 -19.17
C PHE A 228 -8.14 1.51 -18.73
N GLU A 229 -8.14 0.44 -19.52
CA GLU A 229 -8.84 -0.83 -19.17
C GLU A 229 -7.80 -1.91 -18.91
N VAL A 230 -7.92 -2.61 -17.78
CA VAL A 230 -7.03 -3.76 -17.39
C VAL A 230 -7.97 -4.93 -17.10
N GLY A 231 -7.86 -6.02 -17.86
CA GLY A 231 -8.88 -7.07 -17.85
C GLY A 231 -10.23 -6.48 -18.19
N GLY A 232 -11.19 -6.52 -17.27
CA GLY A 232 -12.57 -6.02 -17.49
C GLY A 232 -12.85 -4.70 -16.80
N THR A 233 -11.84 -4.10 -16.19
CA THR A 233 -12.02 -2.96 -15.26
C THR A 233 -11.32 -1.72 -15.83
N THR A 234 -11.96 -0.56 -15.67
CA THR A 234 -11.39 0.73 -16.09
C THR A 234 -10.93 1.48 -14.86
N HIS A 235 -9.87 2.27 -15.04
N HIS A 235 -9.87 2.27 -15.04
CA HIS A 235 -9.38 3.22 -14.00
CA HIS A 235 -9.35 3.21 -14.01
C HIS A 235 -8.75 4.45 -14.68
C HIS A 235 -8.75 4.45 -14.68
N SER A 236 -8.73 5.57 -13.96
CA SER A 236 -8.17 6.84 -14.45
C SER A 236 -6.80 7.05 -13.82
N GLU A 237 -5.90 7.67 -14.57
CA GLU A 237 -4.58 8.08 -14.05
C GLU A 237 -4.27 9.50 -14.51
N ASN A 238 -3.46 10.17 -13.70
CA ASN A 238 -2.93 11.51 -13.97
C ASN A 238 -1.47 11.41 -14.46
N PHE A 239 -1.06 12.41 -15.25
CA PHE A 239 0.27 12.56 -15.86
C PHE A 239 0.64 14.04 -15.89
N THR A 240 1.91 14.33 -15.75
CA THR A 240 2.54 15.62 -16.15
C THR A 240 3.59 15.30 -17.21
N PHE A 241 3.33 15.71 -18.45
CA PHE A 241 4.29 15.57 -19.57
C PHE A 241 5.11 16.86 -19.68
N THR A 242 6.40 16.71 -19.88
CA THR A 242 7.25 17.80 -20.41
C THR A 242 7.50 17.50 -21.89
N LEU A 243 7.06 18.37 -22.78
CA LEU A 243 7.09 18.12 -24.24
C LEU A 243 8.09 19.06 -24.90
N SER A 244 9.03 18.52 -25.69
CA SER A 244 9.87 19.33 -26.62
C SER A 244 9.32 19.16 -28.03
N GLU A 245 9.41 20.21 -28.84
CA GLU A 245 9.04 20.11 -30.28
C GLU A 245 10.10 19.24 -30.97
N LYS A 246 9.66 18.23 -31.71
CA LYS A 246 10.52 17.37 -32.56
C LYS A 246 9.85 17.24 -33.92
N ASP A 247 10.47 17.84 -34.95
CA ASP A 247 9.92 17.88 -36.34
C ASP A 247 8.59 18.65 -36.28
N LYS A 248 7.50 17.99 -36.69
CA LYS A 248 6.12 18.53 -36.64
C LYS A 248 5.34 17.90 -35.48
N SER A 249 6.01 17.20 -34.55
N SER A 249 6.04 17.25 -34.53
CA SER A 249 5.37 16.55 -33.37
CA SER A 249 5.43 16.53 -33.38
C SER A 249 6.13 16.89 -32.07
C SER A 249 6.17 16.89 -32.08
N TYR A 250 6.16 15.97 -31.12
CA TYR A 250 6.73 16.20 -29.77
C TYR A 250 7.60 15.02 -29.39
N TYR A 251 8.46 15.30 -28.43
CA TYR A 251 9.26 14.29 -27.71
C TYR A 251 9.05 14.55 -26.23
N VAL A 252 8.78 13.47 -25.47
CA VAL A 252 8.55 13.55 -24.00
C VAL A 252 9.89 13.50 -23.30
N THR A 253 10.40 14.64 -22.81
CA THR A 253 11.70 14.68 -22.12
C THR A 253 11.51 14.26 -20.65
N LYS A 254 10.30 14.32 -20.11
CA LYS A 254 10.04 13.95 -18.70
C LYS A 254 8.58 13.56 -18.54
N LEU A 255 8.32 12.53 -17.73
CA LEU A 255 6.93 12.10 -17.43
C LEU A 255 6.80 11.86 -15.94
N GLU A 256 5.78 12.47 -15.33
N GLU A 256 5.82 12.52 -15.30
CA GLU A 256 5.40 12.18 -13.93
CA GLU A 256 5.44 12.23 -13.90
C GLU A 256 4.00 11.56 -13.95
C GLU A 256 4.00 11.73 -13.91
N HIS A 257 3.60 10.96 -12.83
N HIS A 257 3.62 11.02 -12.85
CA HIS A 257 2.32 10.23 -12.67
CA HIS A 257 2.33 10.29 -12.71
C HIS A 257 1.42 10.96 -11.65
C HIS A 257 1.42 10.97 -11.67
N THR A 258 1.72 12.23 -11.36
CA THR A 258 0.85 13.10 -10.53
C THR A 258 0.71 14.44 -11.27
N ILE A 259 -0.33 15.18 -10.89
CA ILE A 259 -0.55 16.58 -11.30
C ILE A 259 -0.43 17.38 -10.02
N PRO A 260 0.44 18.42 -9.98
CA PRO A 260 0.64 19.19 -8.75
C PRO A 260 -0.48 20.20 -8.50
N LEU A 261 -0.66 20.63 -7.25
CA LEU A 261 -1.73 21.62 -6.92
C LEU A 261 -1.55 22.94 -7.70
N ASN A 262 -0.32 23.33 -7.98
CA ASN A 262 0.04 24.62 -8.65
C ASN A 262 0.01 24.48 -10.19
N TYR A 263 -0.64 23.45 -10.75
CA TYR A 263 -0.47 23.14 -12.20
C TYR A 263 -0.93 24.35 -13.03
N ALA A 264 -2.01 25.00 -12.63
CA ALA A 264 -2.60 26.13 -13.38
C ALA A 264 -2.07 27.48 -12.87
N ASN A 265 -0.90 27.51 -12.24
CA ASN A 265 -0.15 28.76 -11.91
C ASN A 265 0.91 28.89 -13.00
N ASP A 266 0.64 29.78 -13.97
CA ASP A 266 1.40 29.89 -15.24
C ASP A 266 2.50 30.94 -15.08
S SO4 B . -7.04 29.08 -32.23
O1 SO4 B . -6.21 27.94 -32.63
O2 SO4 B . -8.35 28.93 -32.75
O3 SO4 B . -6.40 30.29 -32.68
O4 SO4 B . -7.19 29.12 -30.77
C1 GOL C . -6.79 -16.10 23.17
O1 GOL C . -7.41 -15.02 23.88
C2 GOL C . -7.73 -16.74 22.18
O2 GOL C . -8.12 -18.05 22.64
C3 GOL C . -8.97 -15.92 21.95
O3 GOL C . -10.08 -16.73 21.57
C1 GOL D . -2.27 -0.66 17.66
C1 GOL D . -2.10 -1.29 18.47
O1 GOL D . -3.06 -0.10 16.63
O1 GOL D . -2.87 -2.21 17.69
C2 GOL D . -2.76 -0.22 19.02
C2 GOL D . -2.98 -0.34 19.25
O2 GOL D . -3.47 -1.28 19.64
O2 GOL D . -3.81 -1.07 20.14
C3 GOL D . -1.69 0.30 19.96
C3 GOL D . -2.23 0.72 20.03
O3 GOL D . -2.25 0.85 21.14
O3 GOL D . -2.02 1.88 19.24
#